data_1ARC
#
_entry.id   1ARC
#
_cell.length_a   37.300
_cell.length_b   42.800
_cell.length_c   48.000
_cell.angle_alpha   120.10
_cell.angle_beta   112.80
_cell.angle_gamma   68.50
#
_symmetry.space_group_name_H-M   'P 1'
#
loop_
_entity.id
_entity.type
_entity.pdbx_description
1 polymer 'ACHROMOBACTER PROTEASE I'
2 non-polymer N-[(1S)-5-amino-1-(chloroacetyl)pentyl]-4-methylbenzenesulfonamide
3 water water
#
_entity_poly.entity_id   1
_entity_poly.type   'polypeptide(L)'
_entity_poly.pdbx_seq_one_letter_code
;GVSGSCNIDVVCPEGDGRRDIIRAVGAYSKSGTLACTGSLVNNTANDRKMYFLTAHHCGMGTASTAASIVVYWNYQNSTC
RAPNTPASGANGDGSMSQTQSGSTVKATYATSDFTLLELNNAANPAFNLFWAGWDRRDQNYPGAIAIHHPNVAEKRISNS
TSPTSFVAWGGGAGTTHLNVQWQPSGGVTEPGSSGSPIYSPEKRVLGQLHGGPSSCSATGTNRSDQYGRVFTSWTGGGAA
ASRLSDWLDPASTGAQFIDGLDSGGGTP
;
_entity_poly.pdbx_strand_id   A
#
# COMPACT_ATOMS: atom_id res chain seq x y z
N GLY A 1 -8.03 6.94 15.46
CA GLY A 1 -7.61 5.54 15.72
C GLY A 1 -6.30 5.62 16.50
N VAL A 2 -5.81 4.46 16.88
CA VAL A 2 -4.55 4.32 17.64
C VAL A 2 -3.62 3.32 16.97
N SER A 3 -2.35 3.63 16.96
CA SER A 3 -1.29 2.76 16.44
C SER A 3 -0.01 3.11 17.25
N GLY A 4 1.04 2.33 17.02
CA GLY A 4 2.30 2.52 17.72
C GLY A 4 2.86 3.93 17.61
N SER A 5 3.34 4.45 18.73
CA SER A 5 3.90 5.81 18.84
C SER A 5 5.12 6.02 17.96
N CYS A 6 5.76 4.94 17.52
CA CYS A 6 6.94 5.10 16.65
C CYS A 6 6.51 5.54 15.23
N ASN A 7 5.22 5.37 14.92
CA ASN A 7 4.76 5.76 13.56
C ASN A 7 4.81 7.27 13.35
N ILE A 8 4.79 7.61 12.05
CA ILE A 8 4.86 9.02 11.66
C ILE A 8 3.67 9.47 10.80
N ASP A 9 3.01 10.51 11.28
CA ASP A 9 1.89 11.12 10.62
C ASP A 9 2.35 11.63 9.24
N VAL A 10 1.51 11.45 8.24
CA VAL A 10 1.85 11.88 6.87
C VAL A 10 2.05 13.38 6.76
N VAL A 11 1.40 14.15 7.65
CA VAL A 11 1.57 15.61 7.57
C VAL A 11 2.93 16.07 8.08
N CYS A 12 3.67 15.23 8.73
CA CYS A 12 5.02 15.61 9.24
C CYS A 12 5.95 15.88 8.07
N PRO A 13 7.10 16.43 8.39
CA PRO A 13 8.10 16.76 7.37
C PRO A 13 8.53 15.55 6.57
N GLU A 14 8.37 14.35 7.11
CA GLU A 14 8.78 13.14 6.36
C GLU A 14 7.95 12.96 5.09
N GLY A 15 6.81 13.62 5.03
CA GLY A 15 5.89 13.57 3.89
C GLY A 15 6.27 14.57 2.80
N ASP A 16 7.18 15.48 3.10
CA ASP A 16 7.60 16.47 2.10
C ASP A 16 8.15 15.76 0.86
N GLY A 17 7.70 16.22 -0.31
CA GLY A 17 8.24 15.58 -1.54
C GLY A 17 7.43 14.33 -1.87
N ARG A 18 6.56 13.88 -1.02
CA ARG A 18 5.68 12.72 -1.27
C ARG A 18 4.21 13.09 -1.16
N ARG A 19 3.84 14.35 -1.30
CA ARG A 19 2.43 14.75 -1.12
C ARG A 19 1.48 14.26 -2.19
N ASP A 20 2.05 13.67 -3.24
CA ASP A 20 1.22 13.11 -4.33
C ASP A 20 0.84 11.67 -3.91
N ILE A 21 1.82 10.81 -3.77
CA ILE A 21 1.55 9.39 -3.41
C ILE A 21 0.77 9.24 -2.14
N ILE A 22 0.88 10.19 -1.19
CA ILE A 22 0.10 10.10 0.04
C ILE A 22 -1.39 9.98 -0.29
N ARG A 23 -1.76 10.69 -1.35
CA ARG A 23 -3.15 10.79 -1.80
C ARG A 23 -3.64 9.59 -2.59
N ALA A 24 -2.78 8.61 -2.77
CA ALA A 24 -3.22 7.38 -3.50
C ALA A 24 -3.72 6.33 -2.50
N VAL A 25 -3.36 6.49 -1.24
CA VAL A 25 -3.68 5.50 -0.21
C VAL A 25 -4.98 5.63 0.52
N GLY A 26 -5.66 4.48 0.67
CA GLY A 26 -6.95 4.53 1.43
C GLY A 26 -7.00 3.35 2.44
N ALA A 27 -7.85 3.51 3.43
CA ALA A 27 -8.04 2.41 4.41
C ALA A 27 -9.43 1.82 4.06
N TYR A 28 -9.66 0.57 4.44
CA TYR A 28 -11.00 0.06 4.10
C TYR A 28 -11.51 -0.94 5.11
N SER A 29 -12.84 -1.10 4.99
CA SER A 29 -13.54 -2.06 5.85
C SER A 29 -14.08 -3.17 4.94
N LYS A 30 -14.21 -4.33 5.56
CA LYS A 30 -14.70 -5.58 4.94
C LYS A 30 -15.94 -5.98 5.74
N SER A 31 -17.02 -6.19 5.02
CA SER A 31 -18.31 -6.55 5.63
C SER A 31 -18.56 -5.77 6.92
N GLY A 32 -18.30 -4.46 6.91
CA GLY A 32 -18.57 -3.61 8.06
C GLY A 32 -17.36 -3.36 8.93
N THR A 33 -16.44 -4.31 9.06
CA THR A 33 -15.28 -4.07 9.94
C THR A 33 -13.99 -3.70 9.24
N LEU A 34 -13.34 -2.72 9.86
CA LEU A 34 -12.07 -2.14 9.43
C LEU A 34 -11.10 -3.33 9.22
N ALA A 35 -10.49 -3.32 8.05
CA ALA A 35 -9.62 -4.45 7.71
C ALA A 35 -8.22 -4.18 7.25
N CYS A 36 -8.06 -3.44 6.16
CA CYS A 36 -6.68 -3.25 5.65
C CYS A 36 -6.50 -1.93 4.92
N THR A 37 -5.38 -1.88 4.20
CA THR A 37 -5.00 -0.73 3.38
C THR A 37 -4.94 -1.10 1.90
N GLY A 38 -5.13 -0.11 1.03
CA GLY A 38 -4.99 -0.36 -0.42
C GLY A 38 -4.52 0.98 -1.01
N SER A 39 -4.30 1.04 -2.30
CA SER A 39 -3.92 2.32 -2.93
C SER A 39 -4.20 2.21 -4.44
N LEU A 40 -4.34 3.41 -5.04
CA LEU A 40 -4.63 3.51 -6.48
C LEU A 40 -3.34 3.46 -7.28
N VAL A 41 -3.41 2.81 -8.42
CA VAL A 41 -2.27 2.71 -9.35
C VAL A 41 -2.73 3.19 -10.72
N ASN A 42 -1.82 3.84 -11.41
CA ASN A 42 -2.06 4.31 -12.79
C ASN A 42 -1.88 3.09 -13.72
N ASN A 43 -2.24 3.28 -14.97
CA ASN A 43 -2.11 2.25 -16.01
C ASN A 43 -1.71 2.97 -17.30
N THR A 44 -1.20 2.20 -18.26
CA THR A 44 -0.71 2.78 -19.53
C THR A 44 -1.76 3.51 -20.33
N ALA A 45 -3.04 3.34 -20.03
CA ALA A 45 -4.04 4.14 -20.77
C ALA A 45 -4.30 5.49 -20.12
N ASN A 46 -3.72 5.75 -18.97
CA ASN A 46 -3.88 7.04 -18.29
C ASN A 46 -5.34 7.46 -18.21
N ASP A 47 -6.22 6.52 -17.90
CA ASP A 47 -7.66 6.82 -17.87
C ASP A 47 -8.30 7.01 -16.52
N ARG A 48 -7.55 6.90 -15.44
CA ARG A 48 -8.03 7.07 -14.08
C ARG A 48 -8.99 5.99 -13.59
N LYS A 49 -8.89 4.81 -14.18
CA LYS A 49 -9.76 3.69 -13.72
C LYS A 49 -9.44 3.54 -12.23
N MET A 50 -10.39 3.15 -11.43
CA MET A 50 -10.19 3.02 -9.98
C MET A 50 -9.57 1.68 -9.58
N TYR A 51 -8.41 1.43 -10.14
CA TYR A 51 -7.61 0.20 -9.84
C TYR A 51 -6.96 0.38 -8.45
N PHE A 52 -7.45 -0.37 -7.51
CA PHE A 52 -7.05 -0.34 -6.08
C PHE A 52 -6.34 -1.64 -5.68
N LEU A 53 -5.03 -1.55 -5.54
CA LEU A 53 -4.18 -2.72 -5.19
C LEU A 53 -4.20 -2.97 -3.68
N THR A 54 -4.39 -4.21 -3.27
CA THR A 54 -4.42 -4.56 -1.83
C THR A 54 -3.82 -5.97 -1.65
N ALA A 55 -3.95 -6.51 -0.46
CA ALA A 55 -3.41 -7.84 -0.15
C ALA A 55 -4.47 -8.94 -0.19
N HIS A 56 -4.08 -10.05 -0.77
CA HIS A 56 -4.97 -11.24 -0.90
C HIS A 56 -5.49 -11.71 0.45
N HIS A 57 -4.54 -11.78 1.41
CA HIS A 57 -4.89 -12.27 2.75
C HIS A 57 -5.96 -11.44 3.45
N CYS A 58 -6.25 -10.24 2.97
CA CYS A 58 -7.30 -9.40 3.57
C CYS A 58 -8.69 -9.91 3.18
N GLY A 59 -8.76 -10.81 2.23
CA GLY A 59 -9.94 -11.48 1.71
C GLY A 59 -10.96 -10.70 0.93
N MET A 60 -10.53 -9.84 0.02
CA MET A 60 -11.50 -9.08 -0.81
C MET A 60 -11.51 -9.65 -2.23
N GLY A 61 -10.74 -10.70 -2.45
CA GLY A 61 -10.61 -11.37 -3.72
C GLY A 61 -11.80 -12.18 -4.20
N THR A 62 -12.97 -11.92 -3.65
CA THR A 62 -14.19 -12.63 -4.09
C THR A 62 -15.25 -11.59 -4.45
N ALA A 63 -16.15 -11.96 -5.35
CA ALA A 63 -17.20 -11.00 -5.80
C ALA A 63 -17.97 -10.46 -4.62
N SER A 64 -18.34 -11.44 -3.76
CA SER A 64 -19.16 -11.05 -2.61
C SER A 64 -18.45 -10.23 -1.58
N THR A 65 -17.17 -10.43 -1.32
CA THR A 65 -16.48 -9.59 -0.30
C THR A 65 -16.03 -8.27 -0.90
N ALA A 66 -15.70 -8.31 -2.19
CA ALA A 66 -15.26 -7.06 -2.89
C ALA A 66 -16.43 -6.09 -2.97
N ALA A 67 -17.63 -6.62 -3.06
CA ALA A 67 -18.85 -5.80 -3.14
C ALA A 67 -19.01 -5.02 -1.82
N SER A 68 -18.64 -5.62 -0.71
CA SER A 68 -18.78 -5.13 0.64
C SER A 68 -17.90 -4.00 1.09
N ILE A 69 -16.86 -3.70 0.35
CA ILE A 69 -15.90 -2.67 0.70
C ILE A 69 -16.42 -1.25 0.86
N VAL A 70 -15.83 -0.67 1.89
CA VAL A 70 -16.00 0.77 2.20
C VAL A 70 -14.56 1.32 2.27
N VAL A 71 -14.28 2.28 1.41
CA VAL A 71 -12.96 2.92 1.35
C VAL A 71 -13.08 4.31 2.01
N TYR A 72 -12.08 4.62 2.80
CA TYR A 72 -11.94 5.88 3.52
C TYR A 72 -10.69 6.60 3.01
N TRP A 73 -10.91 7.73 2.40
CA TRP A 73 -9.85 8.58 1.83
C TRP A 73 -9.55 9.73 2.81
N ASN A 74 -8.33 10.20 2.73
CA ASN A 74 -7.80 11.31 3.50
C ASN A 74 -7.98 11.12 5.00
N TYR A 75 -7.82 9.92 5.46
CA TYR A 75 -7.98 9.64 6.92
C TYR A 75 -6.58 9.74 7.53
N GLN A 76 -6.31 10.87 8.16
CA GLN A 76 -4.99 11.13 8.76
C GLN A 76 -5.06 12.21 9.82
N ASN A 77 -4.08 12.19 10.73
CA ASN A 77 -4.03 13.21 11.83
C ASN A 77 -3.92 14.59 11.21
N SER A 78 -4.60 15.59 11.75
CA SER A 78 -4.58 16.95 11.18
C SER A 78 -3.26 17.68 11.36
N THR A 79 -2.54 17.30 12.39
CA THR A 79 -1.26 17.88 12.81
C THR A 79 -0.23 16.79 13.06
N CYS A 80 1.03 17.19 12.88
CA CYS A 80 2.14 16.25 13.07
C CYS A 80 2.43 15.98 14.55
N ARG A 81 2.23 14.75 14.94
CA ARG A 81 2.49 14.27 16.31
C ARG A 81 3.92 13.73 16.31
N ALA A 82 4.74 14.23 17.23
CA ALA A 82 6.16 13.80 17.29
C ALA A 82 6.23 12.30 17.51
N PRO A 83 6.91 11.63 16.59
CA PRO A 83 7.08 10.17 16.68
C PRO A 83 7.89 9.83 17.93
N ASN A 84 7.62 8.65 18.48
CA ASN A 84 8.29 8.15 19.66
C ASN A 84 7.95 8.97 20.90
N THR A 85 6.79 9.54 20.91
CA THR A 85 6.26 10.32 22.04
C THR A 85 4.84 9.81 22.25
N PRO A 86 4.37 9.97 23.49
CA PRO A 86 3.03 9.48 23.85
C PRO A 86 1.96 10.07 22.92
N ALA A 87 2.17 11.29 22.44
CA ALA A 87 1.16 11.90 21.57
C ALA A 87 0.95 11.08 20.29
N SER A 88 2.01 10.44 19.83
CA SER A 88 1.93 9.64 18.60
C SER A 88 1.12 8.38 18.82
N GLY A 89 1.20 7.86 20.05
CA GLY A 89 0.51 6.63 20.41
C GLY A 89 -0.93 6.86 20.87
N ALA A 90 -1.33 8.11 20.88
CA ALA A 90 -2.68 8.49 21.31
C ALA A 90 -3.72 8.45 20.18
N ASN A 91 -4.98 8.51 20.58
CA ASN A 91 -6.10 8.51 19.60
C ASN A 91 -5.93 9.72 18.70
N GLY A 92 -5.99 9.52 17.39
CA GLY A 92 -5.82 10.60 16.41
C GLY A 92 -7.12 11.35 16.19
N ASP A 93 -7.09 12.38 15.37
CA ASP A 93 -8.27 13.21 15.09
C ASP A 93 -8.70 13.08 13.64
N GLY A 94 -8.26 12.03 12.96
CA GLY A 94 -8.62 11.81 11.55
C GLY A 94 -10.11 11.67 11.33
N SER A 95 -10.57 12.19 10.19
CA SER A 95 -11.97 12.12 9.76
C SER A 95 -12.12 10.92 8.79
N MET A 96 -13.18 10.18 8.99
CA MET A 96 -13.48 9.00 8.13
C MET A 96 -14.71 9.35 7.31
N SER A 97 -14.89 10.61 6.96
CA SER A 97 -16.14 10.95 6.24
C SER A 97 -16.05 10.99 4.73
N GLN A 98 -14.88 10.90 4.14
CA GLN A 98 -14.76 10.90 2.65
C GLN A 98 -14.67 9.42 2.27
N THR A 99 -15.79 8.86 1.85
CA THR A 99 -15.83 7.44 1.52
C THR A 99 -16.50 7.15 0.18
N GLN A 100 -16.31 5.89 -0.19
CA GLN A 100 -16.92 5.31 -1.40
C GLN A 100 -17.10 3.82 -1.11
N SER A 101 -18.12 3.20 -1.70
CA SER A 101 -18.30 1.76 -1.39
C SER A 101 -18.61 0.95 -2.64
N GLY A 102 -18.21 -0.30 -2.54
CA GLY A 102 -18.40 -1.29 -3.60
C GLY A 102 -17.25 -1.30 -4.58
N SER A 103 -16.94 -2.51 -5.05
CA SER A 103 -15.87 -2.76 -6.01
C SER A 103 -16.07 -4.17 -6.59
N THR A 104 -15.30 -4.42 -7.61
CA THR A 104 -15.27 -5.71 -8.31
C THR A 104 -13.80 -6.14 -8.32
N VAL A 105 -13.60 -7.43 -8.39
CA VAL A 105 -12.28 -8.06 -8.38
C VAL A 105 -11.79 -8.24 -9.82
N LYS A 106 -10.60 -7.71 -10.03
CA LYS A 106 -9.94 -7.83 -11.35
C LYS A 106 -9.05 -9.05 -11.34
N ALA A 107 -8.30 -9.15 -10.24
CA ALA A 107 -7.37 -10.30 -10.09
C ALA A 107 -6.96 -10.42 -8.62
N THR A 108 -6.50 -11.62 -8.33
CA THR A 108 -6.06 -12.00 -6.98
C THR A 108 -5.13 -13.20 -7.08
N TYR A 109 -4.11 -13.20 -6.24
CA TYR A 109 -3.11 -14.33 -6.29
C TYR A 109 -2.42 -14.48 -4.95
N ALA A 110 -2.50 -15.70 -4.38
CA ALA A 110 -1.91 -15.93 -3.07
C ALA A 110 -0.41 -15.87 -2.92
N THR A 111 0.36 -16.34 -3.87
CA THR A 111 1.82 -16.38 -3.77
C THR A 111 2.47 -15.04 -3.50
N SER A 112 2.11 -14.03 -4.28
CA SER A 112 2.61 -12.68 -4.10
C SER A 112 1.60 -11.87 -3.25
N ASP A 113 0.61 -12.56 -2.74
CA ASP A 113 -0.44 -11.97 -1.89
C ASP A 113 -1.01 -10.67 -2.43
N PHE A 114 -1.42 -10.59 -3.69
CA PHE A 114 -1.99 -9.32 -4.18
C PHE A 114 -3.46 -9.56 -4.59
N THR A 115 -4.17 -8.44 -4.60
CA THR A 115 -5.53 -8.37 -5.05
C THR A 115 -5.68 -6.99 -5.76
N LEU A 116 -6.22 -7.05 -6.96
CA LEU A 116 -6.50 -5.82 -7.71
C LEU A 116 -8.01 -5.69 -7.79
N LEU A 117 -8.50 -4.62 -7.16
CA LEU A 117 -9.94 -4.38 -7.21
C LEU A 117 -10.16 -3.18 -8.16
N GLU A 118 -11.40 -3.04 -8.58
CA GLU A 118 -11.74 -1.84 -9.38
C GLU A 118 -12.86 -1.19 -8.59
N LEU A 119 -12.70 0.00 -8.03
CA LEU A 119 -13.84 0.58 -7.22
C LEU A 119 -14.99 0.96 -8.15
N ASN A 120 -16.20 0.72 -7.69
CA ASN A 120 -17.39 0.99 -8.48
C ASN A 120 -17.48 2.46 -8.90
N ASN A 121 -17.21 3.35 -7.96
CA ASN A 121 -17.35 4.78 -8.30
C ASN A 121 -16.07 5.43 -8.83
N ALA A 122 -16.32 6.29 -9.79
CA ALA A 122 -15.30 7.08 -10.47
C ALA A 122 -14.80 8.09 -9.44
N ALA A 123 -13.58 8.53 -9.67
CA ALA A 123 -12.95 9.50 -8.75
C ALA A 123 -13.83 10.74 -8.56
N ASN A 124 -14.04 11.07 -7.30
CA ASN A 124 -14.79 12.27 -6.88
C ASN A 124 -13.70 13.35 -6.71
N PRO A 125 -13.81 14.42 -7.47
CA PRO A 125 -12.88 15.54 -7.43
C PRO A 125 -12.65 16.05 -6.03
N ALA A 126 -13.67 15.96 -5.19
CA ALA A 126 -13.60 16.38 -3.80
C ALA A 126 -12.54 15.60 -3.03
N PHE A 127 -12.22 14.41 -3.47
CA PHE A 127 -11.22 13.59 -2.75
C PHE A 127 -9.78 13.91 -3.12
N ASN A 128 -9.53 14.60 -4.19
CA ASN A 128 -8.16 14.93 -4.63
C ASN A 128 -7.26 13.67 -4.64
N LEU A 129 -7.68 12.63 -5.34
CA LEU A 129 -6.94 11.37 -5.43
C LEU A 129 -5.72 11.49 -6.35
N PHE A 130 -4.88 10.46 -6.21
CA PHE A 130 -3.65 10.33 -7.01
C PHE A 130 -3.54 8.86 -7.44
N TRP A 131 -3.16 8.62 -8.68
CA TRP A 131 -3.00 7.24 -9.19
C TRP A 131 -1.47 7.06 -9.35
N ALA A 132 -0.89 6.23 -8.49
CA ALA A 132 0.58 6.05 -8.51
C ALA A 132 1.12 5.23 -9.66
N GLY A 133 2.39 5.52 -9.99
CA GLY A 133 3.11 4.76 -11.03
C GLY A 133 3.59 3.45 -10.34
N TRP A 134 4.15 2.59 -11.18
CA TRP A 134 4.66 1.28 -10.72
C TRP A 134 5.96 0.96 -11.43
N ASP A 135 6.67 -0.01 -10.87
CA ASP A 135 7.96 -0.43 -11.45
C ASP A 135 7.99 -1.96 -11.36
N ARG A 136 8.02 -2.63 -12.49
CA ARG A 136 8.04 -4.12 -12.43
C ARG A 136 9.40 -4.70 -12.75
N ARG A 137 10.42 -3.85 -12.74
CA ARG A 137 11.79 -4.28 -13.07
C ARG A 137 12.30 -5.27 -12.03
N ASP A 138 13.08 -6.22 -12.51
CA ASP A 138 13.64 -7.28 -11.62
C ASP A 138 14.89 -6.73 -10.94
N GLN A 139 14.77 -5.90 -9.94
CA GLN A 139 15.97 -5.32 -9.28
C GLN A 139 15.63 -4.94 -7.83
N ASN A 140 16.66 -4.61 -7.09
CA ASN A 140 16.57 -4.15 -5.70
C ASN A 140 16.74 -2.62 -5.69
N TYR A 141 16.35 -1.96 -4.64
CA TYR A 141 16.40 -0.49 -4.49
C TYR A 141 17.18 -0.11 -3.25
N PRO A 142 17.79 1.08 -3.28
CA PRO A 142 18.58 1.56 -2.17
C PRO A 142 17.78 2.02 -0.98
N GLY A 143 16.47 2.05 -1.12
CA GLY A 143 15.62 2.52 0.01
C GLY A 143 14.17 2.37 -0.51
N ALA A 144 13.25 2.72 0.35
CA ALA A 144 11.82 2.55 -0.05
C ALA A 144 10.98 3.39 0.89
N ILE A 145 9.75 3.64 0.46
CA ILE A 145 8.81 4.45 1.29
C ILE A 145 7.49 3.69 1.44
N ALA A 146 7.02 3.57 2.65
CA ALA A 146 5.73 2.90 2.92
C ALA A 146 4.72 3.96 3.34
N ILE A 147 3.53 3.89 2.77
CA ILE A 147 2.42 4.79 3.15
C ILE A 147 1.30 3.78 3.49
N HIS A 148 0.85 3.82 4.71
CA HIS A 148 -0.13 2.84 5.22
C HIS A 148 -1.00 3.30 6.37
N HIS A 149 -1.98 2.49 6.70
CA HIS A 149 -2.92 2.73 7.81
C HIS A 149 -2.73 1.65 8.87
N PRO A 150 -1.76 1.86 9.74
CA PRO A 150 -1.49 0.85 10.81
C PRO A 150 -2.71 0.74 11.70
N ASN A 151 -3.09 -0.50 11.97
CA ASN A 151 -4.29 -0.79 12.78
C ASN A 151 -5.51 -0.15 12.13
N VAL A 152 -5.38 0.14 10.85
CA VAL A 152 -6.45 0.78 10.08
C VAL A 152 -6.82 2.12 10.74
N ALA A 153 -5.81 2.77 11.28
CA ALA A 153 -5.94 4.06 11.96
C ALA A 153 -5.41 5.13 10.98
N GLU A 154 -5.18 6.31 11.52
CA GLU A 154 -4.70 7.47 10.72
C GLU A 154 -3.48 7.10 9.88
N LYS A 155 -3.43 7.60 8.67
CA LYS A 155 -2.37 7.32 7.69
C LYS A 155 -1.00 7.75 8.22
N ARG A 156 -0.03 6.89 7.99
CA ARG A 156 1.35 7.00 8.38
C ARG A 156 2.31 6.72 7.20
N ILE A 157 3.53 7.21 7.43
CA ILE A 157 4.63 7.02 6.46
C ILE A 157 5.81 6.40 7.18
N SER A 158 6.42 5.41 6.54
CA SER A 158 7.60 4.74 7.14
C SER A 158 8.69 4.78 6.08
N ASN A 159 9.89 5.21 6.47
CA ASN A 159 11.02 5.29 5.57
C ASN A 159 12.01 4.13 5.76
N SER A 160 12.54 3.67 4.65
CA SER A 160 13.60 2.64 4.70
C SER A 160 14.80 3.28 3.95
N THR A 161 15.95 3.27 4.63
CA THR A 161 17.15 3.86 3.96
C THR A 161 18.22 2.80 3.81
N SER A 162 17.79 1.56 3.81
CA SER A 162 18.59 0.35 3.63
C SER A 162 18.16 -0.26 2.29
N PRO A 163 19.06 -0.93 1.62
CA PRO A 163 18.73 -1.58 0.33
C PRO A 163 17.74 -2.72 0.62
N THR A 164 16.89 -3.00 -0.35
CA THR A 164 15.93 -4.10 -0.25
C THR A 164 16.66 -5.38 -0.66
N SER A 165 16.00 -6.50 -0.41
CA SER A 165 16.56 -7.78 -0.84
C SER A 165 15.38 -8.68 -1.22
N PHE A 166 15.70 -9.74 -1.99
CA PHE A 166 14.64 -10.67 -2.41
C PHE A 166 14.55 -11.82 -1.40
N VAL A 167 13.35 -12.17 -1.03
CA VAL A 167 13.09 -13.29 -0.13
C VAL A 167 11.73 -13.94 -0.54
N ALA A 168 11.52 -15.10 0.06
CA ALA A 168 10.27 -15.84 -0.03
C ALA A 168 9.48 -15.40 1.23
N TRP A 169 8.18 -15.62 1.21
CA TRP A 169 7.35 -15.27 2.39
C TRP A 169 7.94 -16.06 3.55
N GLY A 170 8.20 -15.42 4.66
CA GLY A 170 8.79 -16.02 5.87
C GLY A 170 10.28 -15.66 5.96
N GLY A 171 10.87 -15.08 4.94
CA GLY A 171 12.27 -14.67 4.96
C GLY A 171 13.29 -15.63 4.41
N GLY A 172 12.86 -16.80 3.95
CA GLY A 172 13.75 -17.83 3.38
C GLY A 172 14.14 -17.40 1.97
N ALA A 173 14.98 -18.23 1.36
CA ALA A 173 15.46 -17.96 -0.03
C ALA A 173 14.27 -17.99 -0.96
N GLY A 174 14.15 -16.97 -1.77
CA GLY A 174 13.06 -16.82 -2.73
C GLY A 174 13.10 -15.46 -3.41
N THR A 175 12.24 -15.30 -4.40
CA THR A 175 12.21 -14.03 -5.15
C THR A 175 10.82 -13.44 -5.27
N THR A 176 9.85 -13.96 -4.55
CA THR A 176 8.47 -13.44 -4.67
C THR A 176 8.24 -12.17 -3.88
N HIS A 177 9.00 -11.95 -2.82
CA HIS A 177 8.86 -10.80 -1.94
C HIS A 177 10.13 -9.94 -1.86
N LEU A 178 9.86 -8.70 -1.48
CA LEU A 178 10.95 -7.73 -1.25
C LEU A 178 11.03 -7.64 0.31
N ASN A 179 12.23 -7.72 0.81
CA ASN A 179 12.48 -7.57 2.26
C ASN A 179 12.89 -6.10 2.50
N VAL A 180 12.15 -5.46 3.38
CA VAL A 180 12.44 -4.05 3.68
C VAL A 180 12.82 -3.89 5.17
N GLN A 181 13.98 -3.28 5.34
CA GLN A 181 14.48 -3.02 6.73
C GLN A 181 14.11 -1.64 7.21
N TRP A 182 13.42 -1.51 8.31
CA TRP A 182 13.01 -0.21 8.84
C TRP A 182 14.17 0.44 9.61
N GLN A 183 14.03 1.70 9.89
CA GLN A 183 15.03 2.49 10.65
C GLN A 183 14.85 2.06 12.11
N PRO A 184 15.93 2.04 12.87
CA PRO A 184 15.92 1.60 14.26
C PRO A 184 14.96 2.30 15.18
N SER A 185 14.64 3.56 14.97
CA SER A 185 13.63 4.23 15.79
C SER A 185 12.55 4.87 14.86
N GLY A 186 12.52 4.43 13.63
CA GLY A 186 11.58 4.93 12.60
C GLY A 186 10.26 4.17 12.65
N GLY A 187 9.39 4.57 11.70
CA GLY A 187 8.03 3.93 11.67
C GLY A 187 8.21 2.52 11.10
N VAL A 188 7.24 1.69 11.38
CA VAL A 188 7.20 0.31 10.91
C VAL A 188 5.82 0.09 10.27
N THR A 189 5.30 -1.11 10.39
CA THR A 189 3.95 -1.45 9.87
C THR A 189 3.28 -2.31 10.95
N GLU A 190 1.95 -2.36 10.90
CA GLU A 190 1.18 -3.14 11.88
C GLU A 190 -0.02 -3.80 11.19
N PRO A 191 -0.61 -4.75 11.87
CA PRO A 191 -1.82 -5.44 11.34
C PRO A 191 -2.73 -4.30 10.87
N GLY A 192 -3.31 -4.43 9.70
CA GLY A 192 -4.20 -3.36 9.16
C GLY A 192 -3.43 -2.63 8.07
N SER A 193 -2.10 -2.61 8.21
CA SER A 193 -1.23 -2.02 7.19
C SER A 193 -1.17 -2.94 5.97
N SER A 194 -1.53 -4.21 6.13
CA SER A 194 -1.42 -5.09 4.95
C SER A 194 -2.15 -4.53 3.73
N GLY A 195 -1.46 -4.81 2.62
CA GLY A 195 -1.96 -4.37 1.32
C GLY A 195 -1.51 -2.95 1.02
N SER A 196 -0.79 -2.32 1.94
CA SER A 196 -0.26 -0.97 1.70
C SER A 196 0.93 -1.10 0.74
N PRO A 197 1.11 -0.06 -0.05
CA PRO A 197 2.19 -0.04 -1.02
C PRO A 197 3.55 0.25 -0.41
N ILE A 198 4.56 -0.22 -1.11
CA ILE A 198 5.96 0.08 -0.84
C ILE A 198 6.39 0.77 -2.17
N TYR A 199 6.91 1.97 -2.04
CA TYR A 199 7.35 2.70 -3.25
C TYR A 199 8.87 2.82 -3.30
N SER A 200 9.37 2.88 -4.52
CA SER A 200 10.82 3.08 -4.73
C SER A 200 11.06 4.57 -4.37
N PRO A 201 12.32 4.95 -4.26
CA PRO A 201 12.70 6.35 -3.98
C PRO A 201 12.08 7.26 -5.05
N GLU A 202 11.83 6.70 -6.23
CA GLU A 202 11.22 7.49 -7.33
C GLU A 202 9.70 7.48 -7.29
N LYS A 203 9.16 6.98 -6.20
CA LYS A 203 7.72 6.98 -5.95
C LYS A 203 6.87 6.07 -6.81
N ARG A 204 7.38 4.93 -7.22
CA ARG A 204 6.59 3.98 -8.02
C ARG A 204 6.32 2.75 -7.17
N VAL A 205 5.13 2.19 -7.25
CA VAL A 205 4.82 0.99 -6.43
C VAL A 205 5.67 -0.22 -6.82
N LEU A 206 6.28 -0.89 -5.86
CA LEU A 206 7.08 -2.10 -6.17
C LEU A 206 6.41 -3.38 -5.66
N GLY A 207 5.42 -3.17 -4.79
CA GLY A 207 4.72 -4.31 -4.18
C GLY A 207 3.76 -3.75 -3.12
N GLN A 208 3.15 -4.68 -2.42
CA GLN A 208 2.20 -4.29 -1.33
C GLN A 208 2.51 -5.21 -0.15
N LEU A 209 2.22 -4.74 1.06
CA LEU A 209 2.50 -5.43 2.28
C LEU A 209 1.80 -6.76 2.51
N HIS A 210 2.65 -7.78 2.67
CA HIS A 210 2.15 -9.14 2.97
C HIS A 210 2.15 -9.25 4.49
N GLY A 211 3.31 -8.93 5.06
CA GLY A 211 3.45 -8.93 6.55
C GLY A 211 4.94 -9.04 6.91
N GLY A 212 5.16 -9.35 8.19
CA GLY A 212 6.57 -9.47 8.66
C GLY A 212 6.58 -9.30 10.17
N PRO A 213 7.80 -9.43 10.71
CA PRO A 213 7.99 -9.38 12.15
C PRO A 213 7.92 -8.03 12.80
N SER A 214 8.02 -6.91 12.08
CA SER A 214 8.07 -5.60 12.74
C SER A 214 6.90 -5.22 13.64
N SER A 215 7.24 -4.35 14.57
CA SER A 215 6.45 -3.65 15.56
C SER A 215 7.38 -2.52 16.07
N CYS A 216 6.81 -1.55 16.75
CA CYS A 216 7.64 -0.42 17.25
C CYS A 216 8.70 -0.87 18.23
N SER A 217 8.47 -2.04 18.83
CA SER A 217 9.51 -2.49 19.81
C SER A 217 10.50 -3.46 19.19
N ALA A 218 10.33 -3.78 17.91
CA ALA A 218 11.26 -4.74 17.27
C ALA A 218 12.66 -4.15 17.19
N THR A 219 13.63 -5.00 17.31
CA THR A 219 15.06 -4.61 17.19
C THR A 219 15.73 -5.45 16.10
N GLY A 220 16.83 -4.94 15.60
CA GLY A 220 17.63 -5.60 14.56
C GLY A 220 16.79 -5.89 13.31
N THR A 221 17.12 -7.03 12.69
CA THR A 221 16.44 -7.48 11.48
C THR A 221 14.99 -7.88 11.67
N ASN A 222 14.51 -7.91 12.91
CA ASN A 222 13.10 -8.21 13.19
C ASN A 222 12.26 -6.95 12.86
N ARG A 223 12.97 -5.85 12.70
CA ARG A 223 12.28 -4.54 12.40
C ARG A 223 12.25 -4.37 10.89
N SER A 224 11.54 -5.35 10.28
CA SER A 224 11.45 -5.41 8.81
C SER A 224 10.11 -6.04 8.42
N ASP A 225 9.84 -5.94 7.13
CA ASP A 225 8.57 -6.49 6.57
C ASP A 225 8.84 -7.02 5.15
N GLN A 226 7.85 -7.80 4.70
CA GLN A 226 7.88 -8.43 3.39
C GLN A 226 6.68 -8.02 2.53
N TYR A 227 7.05 -7.62 1.31
CA TYR A 227 6.10 -7.17 0.29
C TYR A 227 6.13 -8.06 -0.96
N GLY A 228 4.92 -8.51 -1.30
CA GLY A 228 4.78 -9.34 -2.54
C GLY A 228 5.09 -8.37 -3.72
N ARG A 229 6.05 -8.79 -4.52
CA ARG A 229 6.54 -8.00 -5.64
C ARG A 229 5.62 -7.85 -6.84
N VAL A 230 5.60 -6.60 -7.32
CA VAL A 230 4.84 -6.30 -8.54
C VAL A 230 5.45 -7.17 -9.64
N PHE A 231 6.78 -7.34 -9.57
CA PHE A 231 7.45 -8.19 -10.60
C PHE A 231 6.80 -9.58 -10.62
N THR A 232 6.57 -10.13 -9.43
CA THR A 232 5.98 -11.46 -9.34
C THR A 232 4.52 -11.46 -9.80
N SER A 233 3.79 -10.49 -9.31
CA SER A 233 2.37 -10.35 -9.64
C SER A 233 2.14 -10.06 -11.12
N TRP A 234 3.10 -9.48 -11.80
CA TRP A 234 2.94 -9.14 -13.23
C TRP A 234 2.50 -10.38 -14.03
N THR A 235 3.20 -11.48 -13.85
CA THR A 235 2.84 -12.74 -14.58
C THR A 235 1.88 -13.57 -13.75
N GLY A 236 2.00 -13.37 -12.43
CA GLY A 236 1.19 -13.96 -11.40
C GLY A 236 0.87 -15.42 -11.59
N GLY A 237 -0.43 -15.73 -11.49
CA GLY A 237 -0.92 -17.10 -11.57
C GLY A 237 -1.06 -17.65 -12.97
N GLY A 238 -0.65 -16.88 -13.97
CA GLY A 238 -0.73 -17.36 -15.35
C GLY A 238 -1.92 -16.97 -16.17
N ALA A 239 -2.76 -16.08 -15.68
CA ALA A 239 -3.95 -15.64 -16.45
C ALA A 239 -4.42 -14.32 -15.86
N ALA A 240 -5.21 -13.61 -16.65
CA ALA A 240 -5.76 -12.32 -16.23
C ALA A 240 -6.34 -12.30 -14.84
N ALA A 241 -7.12 -13.26 -14.40
CA ALA A 241 -7.73 -13.21 -13.07
C ALA A 241 -6.74 -13.46 -11.92
N SER A 242 -5.49 -13.68 -12.23
CA SER A 242 -4.45 -13.88 -11.21
C SER A 242 -3.16 -13.13 -11.52
N ARG A 243 -3.23 -12.06 -12.33
CA ARG A 243 -1.97 -11.30 -12.63
C ARG A 243 -2.30 -9.84 -12.86
N LEU A 244 -1.28 -8.98 -12.94
CA LEU A 244 -1.49 -7.54 -13.14
C LEU A 244 -1.33 -6.99 -14.55
N SER A 245 -0.54 -7.68 -15.38
CA SER A 245 -0.24 -7.20 -16.73
C SER A 245 -1.41 -6.75 -17.57
N ASP A 246 -2.43 -7.58 -17.72
CA ASP A 246 -3.58 -7.20 -18.58
C ASP A 246 -4.21 -5.86 -18.21
N TRP A 247 -4.32 -5.62 -16.94
CA TRP A 247 -4.91 -4.48 -16.31
C TRP A 247 -4.06 -3.22 -16.28
N LEU A 248 -2.79 -3.34 -16.00
CA LEU A 248 -1.90 -2.17 -15.88
C LEU A 248 -1.30 -1.69 -17.19
N ASP A 249 -1.26 -2.57 -18.19
CA ASP A 249 -0.70 -2.17 -19.49
C ASP A 249 -1.68 -2.60 -20.60
N PRO A 250 -2.89 -2.04 -20.50
CA PRO A 250 -3.91 -2.34 -21.50
C PRO A 250 -3.47 -1.81 -22.87
N ALA A 251 -2.71 -0.72 -22.91
CA ALA A 251 -2.32 -0.15 -24.20
C ALA A 251 -1.16 -0.85 -24.89
N SER A 252 -0.66 -1.91 -24.26
CA SER A 252 0.44 -2.73 -24.71
C SER A 252 1.67 -1.93 -25.04
N THR A 253 2.11 -1.07 -24.12
CA THR A 253 3.31 -0.28 -24.41
C THR A 253 4.57 -1.10 -24.10
N GLY A 254 4.43 -2.10 -23.26
CA GLY A 254 5.59 -2.92 -22.84
C GLY A 254 6.45 -2.18 -21.82
N ALA A 255 6.01 -1.08 -21.30
CA ALA A 255 6.70 -0.28 -20.28
C ALA A 255 7.10 -1.12 -19.04
N GLN A 256 8.31 -0.93 -18.56
CA GLN A 256 8.81 -1.60 -17.35
C GLN A 256 8.45 -0.81 -16.09
N PHE A 257 8.09 0.45 -16.27
CA PHE A 257 7.72 1.34 -15.16
C PHE A 257 6.94 2.52 -15.75
N ILE A 258 6.11 3.16 -14.95
CA ILE A 258 5.35 4.35 -15.43
C ILE A 258 5.20 5.29 -14.23
N ASP A 259 4.96 6.56 -14.49
CA ASP A 259 4.77 7.54 -13.43
C ASP A 259 3.28 7.55 -13.04
N GLY A 260 2.97 8.40 -12.09
CA GLY A 260 1.58 8.53 -11.59
C GLY A 260 0.82 9.58 -12.37
N LEU A 261 -0.44 9.69 -12.00
CA LEU A 261 -1.36 10.68 -12.66
C LEU A 261 -2.15 11.33 -11.55
N ASP A 262 -2.26 12.64 -11.62
CA ASP A 262 -3.00 13.44 -10.63
C ASP A 262 -4.46 13.57 -11.05
N SER A 263 -5.29 13.97 -10.10
CA SER A 263 -6.73 14.17 -10.27
C SER A 263 -6.98 15.43 -11.15
#